data_1PUJ
#
_entry.id   1PUJ
#
_cell.length_a   36.749
_cell.length_b   68.568
_cell.length_c   105.574
_cell.angle_alpha   90.00
_cell.angle_beta   90.00
_cell.angle_gamma   90.00
#
_symmetry.space_group_name_H-M   'P 21 21 21'
#
loop_
_entity.id
_entity.type
_entity.pdbx_description
1 polymer 'conserved hypothetical protein ylqF'
2 non-polymer 'MAGNESIUM ION'
3 non-polymer 'PHOSPHOAMINOPHOSPHONIC ACID-GUANYLATE ESTER'
4 water water
#
_entity_poly.entity_id   1
_entity_poly.type   'polypeptide(L)'
_entity_poly.pdbx_seq_one_letter_code
;MTIQWFPGHMAKARREVTEKLKLIDIVYELVDARIPMSSRNPMIEDILKNKPRIMLLNKADKADAAVTQQWKEHFENQGI
RSLSINSVNGQGLNQIVPASKEILQEKFDRMRAKGVKPRAIRALIIGIPNVGKSTLINRLAKKNIAKTGDRPGITTSQQW
VKVGKELELLDTPGILWPKFEDELVGLRLAVTGAIKDSIINLQDVAVFGLRFLEEHYPERLKERYGLDEIPEDIAELFDA
IGEKRGCLMSGGLINYDKTTEVIIRDIRTEKFGRLSFEQPTM
;
_entity_poly.pdbx_strand_id   A
#
# COMPACT_ATOMS: atom_id res chain seq x y z
N HIS A 9 0.13 -10.43 -17.40
CA HIS A 9 -0.28 -9.43 -16.37
C HIS A 9 -1.71 -9.69 -15.91
N MET A 10 -2.66 -9.08 -16.60
CA MET A 10 -4.07 -9.23 -16.28
C MET A 10 -4.48 -10.70 -16.35
N ALA A 11 -3.68 -11.51 -17.03
CA ALA A 11 -3.95 -12.93 -17.17
C ALA A 11 -2.83 -13.78 -16.57
N LYS A 12 -1.59 -13.46 -16.96
CA LYS A 12 -0.42 -14.18 -16.47
C LYS A 12 -0.36 -14.24 -14.95
N ALA A 13 -0.25 -13.08 -14.32
CA ALA A 13 -0.17 -13.00 -12.87
C ALA A 13 -1.46 -13.53 -12.23
N ARG A 14 -2.57 -13.35 -12.92
CA ARG A 14 -3.86 -13.81 -12.42
C ARG A 14 -3.95 -15.33 -12.27
N ARG A 15 -3.47 -16.07 -13.27
CA ARG A 15 -3.52 -17.53 -13.19
C ARG A 15 -2.51 -18.05 -12.18
N GLU A 16 -1.41 -17.32 -12.01
CA GLU A 16 -0.37 -17.71 -11.06
C GLU A 16 -0.98 -17.74 -9.66
N VAL A 17 -1.90 -16.83 -9.40
CA VAL A 17 -2.56 -16.74 -8.11
C VAL A 17 -3.62 -17.83 -8.00
N THR A 18 -4.35 -18.05 -9.09
CA THR A 18 -5.40 -19.05 -9.12
C THR A 18 -4.83 -20.43 -8.80
N GLU A 19 -3.62 -20.68 -9.29
CA GLU A 19 -2.95 -21.96 -9.06
C GLU A 19 -2.47 -22.08 -7.62
N LYS A 20 -1.73 -21.08 -7.16
CA LYS A 20 -1.18 -21.08 -5.80
C LYS A 20 -2.23 -21.04 -4.70
N LEU A 21 -3.44 -20.58 -5.02
CA LEU A 21 -4.49 -20.51 -4.01
C LEU A 21 -4.91 -21.91 -3.55
N LYS A 22 -4.73 -22.89 -4.43
CA LYS A 22 -5.09 -24.27 -4.11
C LYS A 22 -4.12 -24.89 -3.12
N LEU A 23 -2.97 -24.26 -2.93
CA LEU A 23 -1.96 -24.78 -2.03
C LEU A 23 -1.83 -24.02 -0.72
N ILE A 24 -2.66 -23.00 -0.53
CA ILE A 24 -2.56 -22.20 0.69
C ILE A 24 -3.79 -22.27 1.59
N ASP A 25 -3.58 -21.99 2.87
CA ASP A 25 -4.65 -22.00 3.86
C ASP A 25 -5.25 -20.61 4.03
N ILE A 26 -4.40 -19.58 3.88
CA ILE A 26 -4.87 -18.22 4.11
C ILE A 26 -4.16 -17.20 3.23
N VAL A 27 -4.88 -16.12 2.91
CA VAL A 27 -4.31 -15.08 2.08
C VAL A 27 -3.95 -13.85 2.91
N TYR A 28 -2.78 -13.29 2.62
CA TYR A 28 -2.34 -12.08 3.30
C TYR A 28 -2.42 -11.01 2.24
N GLU A 29 -3.51 -10.25 2.25
CA GLU A 29 -3.69 -9.20 1.26
C GLU A 29 -3.10 -7.88 1.76
N LEU A 30 -1.98 -7.47 1.16
CA LEU A 30 -1.33 -6.22 1.54
C LEU A 30 -1.90 -5.04 0.79
N VAL A 31 -2.26 -4.01 1.53
CA VAL A 31 -2.76 -2.78 0.92
C VAL A 31 -1.96 -1.62 1.51
N ASP A 32 -1.97 -0.49 0.82
CA ASP A 32 -1.24 0.70 1.26
C ASP A 32 -2.15 1.43 2.26
N ALA A 33 -1.70 1.53 3.50
CA ALA A 33 -2.49 2.19 4.54
C ALA A 33 -2.88 3.62 4.19
N ARG A 34 -2.10 4.26 3.32
CA ARG A 34 -2.41 5.64 2.90
C ARG A 34 -3.66 5.67 2.02
N ILE A 35 -3.98 4.55 1.39
CA ILE A 35 -5.15 4.41 0.52
C ILE A 35 -5.65 2.96 0.59
N PRO A 36 -6.20 2.55 1.74
CA PRO A 36 -6.70 1.20 1.99
C PRO A 36 -7.74 0.69 1.00
N MET A 37 -8.53 1.60 0.44
CA MET A 37 -9.55 1.23 -0.52
C MET A 37 -9.04 1.25 -1.95
N SER A 38 -8.45 2.36 -2.36
CA SER A 38 -7.93 2.50 -3.72
C SER A 38 -6.78 1.55 -4.03
N SER A 39 -6.15 0.98 -3.01
CA SER A 39 -5.05 0.05 -3.24
C SER A 39 -5.50 -1.41 -3.19
N ARG A 40 -6.81 -1.64 -3.12
CA ARG A 40 -7.34 -3.01 -3.12
C ARG A 40 -7.59 -3.37 -4.59
N ASN A 41 -7.08 -4.52 -5.02
CA ASN A 41 -7.24 -5.00 -6.39
C ASN A 41 -8.52 -5.82 -6.54
N PRO A 42 -9.57 -5.23 -7.13
CA PRO A 42 -10.85 -5.93 -7.32
C PRO A 42 -10.74 -7.21 -8.15
N MET A 43 -9.89 -7.18 -9.18
CA MET A 43 -9.70 -8.34 -10.05
C MET A 43 -9.22 -9.55 -9.24
N ILE A 44 -8.20 -9.33 -8.41
CA ILE A 44 -7.65 -10.39 -7.59
C ILE A 44 -8.57 -10.84 -6.46
N GLU A 45 -9.21 -9.89 -5.80
CA GLU A 45 -10.13 -10.24 -4.71
C GLU A 45 -11.23 -11.16 -5.19
N ASP A 46 -11.64 -11.01 -6.45
CA ASP A 46 -12.69 -11.84 -7.00
C ASP A 46 -12.30 -13.32 -7.01
N ILE A 47 -11.02 -13.57 -7.23
CA ILE A 47 -10.49 -14.93 -7.26
C ILE A 47 -10.38 -15.48 -5.84
N LEU A 48 -10.33 -14.58 -4.87
CA LEU A 48 -10.21 -14.95 -3.45
C LEU A 48 -11.51 -15.20 -2.73
N LYS A 49 -12.48 -15.85 -3.36
CA LYS A 49 -13.74 -16.07 -2.65
C LYS A 49 -13.70 -17.28 -1.73
N ASN A 50 -14.15 -17.06 -0.49
CA ASN A 50 -14.21 -18.11 0.53
C ASN A 50 -12.87 -18.46 1.18
N LYS A 51 -11.77 -18.16 0.51
CA LYS A 51 -10.46 -18.44 1.09
C LYS A 51 -10.21 -17.52 2.29
N PRO A 52 -9.78 -18.08 3.44
CA PRO A 52 -9.53 -17.23 4.61
C PRO A 52 -8.52 -16.16 4.25
N ARG A 53 -8.63 -14.99 4.87
CA ARG A 53 -7.70 -13.92 4.57
C ARG A 53 -7.62 -12.84 5.64
N ILE A 54 -6.51 -12.12 5.63
CA ILE A 54 -6.30 -11.02 6.56
C ILE A 54 -5.87 -9.82 5.71
N MET A 55 -6.48 -8.67 5.94
CA MET A 55 -6.11 -7.45 5.21
C MET A 55 -5.00 -6.83 6.04
N LEU A 56 -3.86 -6.62 5.40
CA LEU A 56 -2.71 -6.02 6.06
C LEU A 56 -2.49 -4.61 5.54
N LEU A 57 -2.80 -3.61 6.35
CA LEU A 57 -2.59 -2.22 5.95
C LEU A 57 -1.12 -1.92 6.23
N ASN A 58 -0.29 -2.09 5.20
CA ASN A 58 1.16 -1.87 5.29
C ASN A 58 1.48 -0.38 5.20
N LYS A 59 2.72 -0.01 5.52
CA LYS A 59 3.18 1.38 5.52
C LYS A 59 2.33 2.24 6.44
N ALA A 60 1.86 1.63 7.54
CA ALA A 60 1.03 2.35 8.50
C ALA A 60 1.79 3.53 9.11
N ASP A 61 3.12 3.45 9.09
CA ASP A 61 3.95 4.52 9.64
C ASP A 61 3.89 5.77 8.76
N LYS A 62 3.51 5.60 7.51
CA LYS A 62 3.41 6.70 6.53
C LYS A 62 2.02 7.30 6.44
N ALA A 63 1.04 6.63 7.06
CA ALA A 63 -0.36 7.08 7.00
C ALA A 63 -0.85 7.79 8.26
N ASP A 64 -1.99 8.46 8.14
CA ASP A 64 -2.57 9.16 9.28
C ASP A 64 -3.11 8.06 10.19
N ALA A 65 -2.53 7.94 11.38
CA ALA A 65 -2.92 6.92 12.35
C ALA A 65 -4.41 6.89 12.67
N ALA A 66 -5.03 8.06 12.83
CA ALA A 66 -6.45 8.12 13.14
C ALA A 66 -7.28 7.59 11.98
N VAL A 67 -6.91 7.96 10.76
CA VAL A 67 -7.65 7.48 9.60
C VAL A 67 -7.46 5.97 9.44
N THR A 68 -6.25 5.49 9.70
CA THR A 68 -5.97 4.06 9.60
C THR A 68 -6.89 3.27 10.54
N GLN A 69 -7.07 3.81 11.75
CA GLN A 69 -7.94 3.17 12.74
C GLN A 69 -9.36 3.13 12.18
N GLN A 70 -9.78 4.19 11.49
CA GLN A 70 -11.12 4.23 10.92
C GLN A 70 -11.28 3.15 9.85
N TRP A 71 -10.26 2.97 9.01
CA TRP A 71 -10.31 1.95 7.97
C TRP A 71 -10.33 0.54 8.55
N LYS A 72 -9.60 0.33 9.63
CA LYS A 72 -9.60 -0.99 10.24
C LYS A 72 -10.98 -1.33 10.79
N GLU A 73 -11.62 -0.36 11.44
CA GLU A 73 -12.97 -0.60 11.97
C GLU A 73 -13.91 -0.87 10.82
N HIS A 74 -13.74 -0.12 9.73
CA HIS A 74 -14.58 -0.26 8.55
C HIS A 74 -14.51 -1.67 7.96
N PHE A 75 -13.30 -2.22 7.83
CA PHE A 75 -13.11 -3.55 7.29
C PHE A 75 -13.61 -4.63 8.27
N GLU A 76 -13.25 -4.49 9.54
CA GLU A 76 -13.69 -5.45 10.56
C GLU A 76 -15.21 -5.54 10.61
N ASN A 77 -15.88 -4.39 10.54
CA ASN A 77 -17.35 -4.38 10.60
C ASN A 77 -17.97 -5.07 9.40
N GLN A 78 -17.14 -5.36 8.40
CA GLN A 78 -17.59 -6.04 7.18
C GLN A 78 -17.18 -7.50 7.20
N GLY A 79 -16.58 -7.94 8.29
CA GLY A 79 -16.15 -9.32 8.41
C GLY A 79 -14.73 -9.56 7.90
N ILE A 80 -13.97 -8.48 7.77
CA ILE A 80 -12.60 -8.63 7.29
C ILE A 80 -11.57 -8.34 8.38
N ARG A 81 -10.88 -9.37 8.84
CA ARG A 81 -9.85 -9.19 9.86
C ARG A 81 -8.76 -8.31 9.27
N SER A 82 -8.41 -7.24 9.98
CA SER A 82 -7.41 -6.29 9.50
C SER A 82 -6.32 -5.98 10.51
N LEU A 83 -5.10 -5.79 10.01
CA LEU A 83 -3.97 -5.44 10.87
C LEU A 83 -3.15 -4.36 10.20
N SER A 84 -2.81 -3.31 10.94
CA SER A 84 -1.99 -2.24 10.38
C SER A 84 -0.55 -2.56 10.80
N ILE A 85 0.34 -2.52 9.82
CA ILE A 85 1.74 -2.87 10.09
C ILE A 85 2.77 -2.00 9.38
N ASN A 86 4.02 -2.12 9.82
CA ASN A 86 5.16 -1.41 9.25
C ASN A 86 6.14 -2.55 8.95
N SER A 87 6.27 -2.93 7.69
CA SER A 87 7.15 -4.02 7.32
C SER A 87 8.63 -3.68 7.42
N VAL A 88 8.93 -2.39 7.48
CA VAL A 88 10.32 -1.97 7.58
C VAL A 88 10.88 -2.13 9.00
N ASN A 89 10.14 -1.68 10.01
CA ASN A 89 10.63 -1.78 11.38
C ASN A 89 9.98 -2.89 12.19
N GLY A 90 8.96 -3.55 11.63
CA GLY A 90 8.32 -4.65 12.32
C GLY A 90 7.05 -4.41 13.10
N GLN A 91 6.65 -3.15 13.23
CA GLN A 91 5.43 -2.80 13.95
C GLN A 91 4.22 -3.65 13.50
N GLY A 92 3.65 -4.41 14.44
CA GLY A 92 2.49 -5.22 14.15
C GLY A 92 2.70 -6.57 13.49
N LEU A 93 3.93 -6.90 13.10
CA LEU A 93 4.14 -8.20 12.45
C LEU A 93 3.95 -9.37 13.41
N ASN A 94 4.06 -9.11 14.70
CA ASN A 94 3.91 -10.13 15.72
C ASN A 94 2.46 -10.58 15.89
N GLN A 95 1.55 -9.90 15.22
CA GLN A 95 0.13 -10.22 15.32
C GLN A 95 -0.35 -11.09 14.16
N ILE A 96 0.46 -11.22 13.13
CA ILE A 96 0.10 -12.01 11.95
C ILE A 96 -0.13 -13.50 12.21
N VAL A 97 0.85 -14.18 12.80
CA VAL A 97 0.71 -15.60 13.08
C VAL A 97 -0.44 -15.87 14.05
N PRO A 98 -0.53 -15.10 15.15
CA PRO A 98 -1.61 -15.31 16.11
C PRO A 98 -2.97 -15.19 15.42
N ALA A 99 -3.14 -14.14 14.62
CA ALA A 99 -4.40 -13.93 13.92
C ALA A 99 -4.68 -15.10 12.98
N SER A 100 -3.65 -15.55 12.26
CA SER A 100 -3.79 -16.64 11.31
C SER A 100 -4.27 -17.94 11.95
N LYS A 101 -3.75 -18.24 13.14
CA LYS A 101 -4.12 -19.44 13.85
C LYS A 101 -5.58 -19.38 14.33
N GLU A 102 -6.02 -18.20 14.75
CA GLU A 102 -7.39 -18.04 15.21
C GLU A 102 -8.36 -18.24 14.06
N ILE A 103 -8.03 -17.64 12.91
CA ILE A 103 -8.87 -17.74 11.73
C ILE A 103 -8.98 -19.17 11.22
N LEU A 104 -7.87 -19.90 11.29
CA LEU A 104 -7.83 -21.28 10.81
C LEU A 104 -8.08 -22.33 11.89
N GLN A 105 -8.38 -21.88 13.11
CA GLN A 105 -8.62 -22.80 14.23
C GLN A 105 -9.62 -23.91 13.93
N GLU A 106 -10.78 -23.53 13.41
CA GLU A 106 -11.82 -24.50 13.09
C GLU A 106 -11.37 -25.51 12.04
N LYS A 107 -10.76 -25.01 10.96
CA LYS A 107 -10.27 -25.89 9.90
C LYS A 107 -9.26 -26.89 10.45
N PHE A 108 -8.23 -26.38 11.11
CA PHE A 108 -7.19 -27.21 11.69
C PHE A 108 -7.71 -28.20 12.73
N ASP A 109 -8.59 -27.74 13.63
CA ASP A 109 -9.13 -28.64 14.65
C ASP A 109 -9.92 -29.79 14.00
N ARG A 110 -10.58 -29.48 12.88
CA ARG A 110 -11.37 -30.47 12.16
C ARG A 110 -10.44 -31.50 11.51
N MET A 111 -9.33 -31.03 10.96
CA MET A 111 -8.36 -31.93 10.33
C MET A 111 -7.73 -32.83 11.40
N ARG A 112 -7.36 -32.24 12.53
CA ARG A 112 -6.78 -33.01 13.62
C ARG A 112 -7.70 -34.12 14.10
N ALA A 113 -8.98 -33.80 14.27
CA ALA A 113 -9.95 -34.79 14.74
C ALA A 113 -10.15 -35.91 13.74
N LYS A 114 -9.81 -35.67 12.48
CA LYS A 114 -9.97 -36.68 11.44
C LYS A 114 -8.69 -37.51 11.26
N GLY A 115 -7.67 -37.21 12.04
CA GLY A 115 -6.42 -37.97 11.97
C GLY A 115 -5.28 -37.34 11.18
N VAL A 116 -5.53 -36.18 10.57
CA VAL A 116 -4.50 -35.50 9.79
C VAL A 116 -3.72 -34.55 10.70
N LYS A 117 -2.45 -34.86 10.91
CA LYS A 117 -1.60 -34.06 11.78
C LYS A 117 -1.42 -32.61 11.31
N PRO A 118 -1.23 -31.68 12.26
CA PRO A 118 -1.06 -30.27 11.96
C PRO A 118 0.22 -30.01 11.16
N ARG A 119 0.15 -29.04 10.26
CA ARG A 119 1.30 -28.69 9.43
C ARG A 119 1.50 -27.18 9.54
N ALA A 120 2.62 -26.67 9.06
CA ALA A 120 2.89 -25.24 9.13
C ALA A 120 1.86 -24.51 8.27
N ILE A 121 1.35 -23.40 8.78
CA ILE A 121 0.36 -22.61 8.05
C ILE A 121 0.94 -22.17 6.71
N ARG A 122 0.15 -22.30 5.66
CA ARG A 122 0.57 -21.90 4.32
C ARG A 122 -0.21 -20.67 3.88
N ALA A 123 0.51 -19.56 3.68
CA ALA A 123 -0.11 -18.30 3.31
C ALA A 123 0.39 -17.72 2.00
N LEU A 124 -0.51 -17.01 1.33
CA LEU A 124 -0.20 -16.37 0.06
C LEU A 124 -0.14 -14.85 0.26
N ILE A 125 0.93 -14.23 -0.25
CA ILE A 125 1.09 -12.79 -0.14
C ILE A 125 0.67 -12.18 -1.46
N ILE A 126 -0.35 -11.34 -1.44
CA ILE A 126 -0.81 -10.68 -2.66
C ILE A 126 -0.96 -9.18 -2.47
N GLY A 127 -0.94 -8.44 -3.58
CA GLY A 127 -1.08 -7.00 -3.47
C GLY A 127 -0.54 -6.24 -4.68
N ILE A 128 -0.93 -4.97 -4.78
CA ILE A 128 -0.49 -4.14 -5.89
C ILE A 128 1.01 -3.89 -5.83
N PRO A 129 1.60 -3.48 -6.96
CA PRO A 129 3.03 -3.22 -7.03
C PRO A 129 3.52 -2.22 -5.98
N ASN A 130 4.72 -2.48 -5.46
CA ASN A 130 5.38 -1.60 -4.50
C ASN A 130 4.69 -1.45 -3.13
N VAL A 131 3.71 -2.30 -2.85
CA VAL A 131 2.97 -2.22 -1.59
C VAL A 131 3.82 -2.71 -0.39
N GLY A 132 4.88 -3.45 -0.69
CA GLY A 132 5.77 -3.96 0.34
C GLY A 132 5.76 -5.45 0.58
N LYS A 133 5.29 -6.22 -0.40
CA LYS A 133 5.23 -7.67 -0.29
C LYS A 133 6.58 -8.32 0.02
N SER A 134 7.63 -7.91 -0.69
CA SER A 134 8.96 -8.47 -0.44
C SER A 134 9.55 -8.07 0.90
N THR A 135 9.36 -6.82 1.27
CA THR A 135 9.87 -6.31 2.53
C THR A 135 9.28 -7.15 3.67
N LEU A 136 7.97 -7.34 3.63
CA LEU A 136 7.27 -8.13 4.64
C LEU A 136 7.82 -9.56 4.73
N ILE A 137 7.99 -10.19 3.58
CA ILE A 137 8.50 -11.56 3.54
C ILE A 137 9.91 -11.65 4.13
N ASN A 138 10.78 -10.74 3.71
CA ASN A 138 12.15 -10.71 4.20
C ASN A 138 12.21 -10.48 5.70
N ARG A 139 11.36 -9.59 6.20
CA ARG A 139 11.31 -9.28 7.63
C ARG A 139 10.83 -10.52 8.39
N LEU A 140 9.72 -11.10 7.95
CA LEU A 140 9.19 -12.30 8.62
C LEU A 140 10.19 -13.47 8.57
N ALA A 141 10.76 -13.73 7.39
CA ALA A 141 11.70 -14.81 7.23
C ALA A 141 13.04 -14.52 7.86
N LYS A 142 13.26 -13.26 8.22
CA LYS A 142 14.51 -12.82 8.83
C LYS A 142 15.69 -13.17 7.93
N LYS A 143 15.53 -12.92 6.64
CA LYS A 143 16.57 -13.21 5.67
C LYS A 143 16.25 -12.58 4.32
N ASN A 144 17.29 -12.22 3.58
CA ASN A 144 17.11 -11.62 2.26
C ASN A 144 16.90 -12.71 1.22
N ILE A 145 15.64 -13.07 1.00
CA ILE A 145 15.29 -14.09 0.04
C ILE A 145 14.57 -13.49 -1.16
N ALA A 146 13.90 -12.37 -0.93
CA ALA A 146 13.17 -11.67 -1.98
C ALA A 146 13.85 -10.37 -2.37
N GLN A 159 7.28 -20.21 -4.00
CA GLN A 159 8.57 -20.86 -3.79
C GLN A 159 8.72 -21.41 -2.38
N TRP A 160 7.74 -21.15 -1.53
CA TRP A 160 7.74 -21.63 -0.14
C TRP A 160 8.84 -21.04 0.73
N VAL A 161 8.62 -19.83 1.22
CA VAL A 161 9.58 -19.15 2.09
C VAL A 161 9.23 -19.57 3.52
N LYS A 162 10.18 -20.16 4.21
CA LYS A 162 9.96 -20.61 5.58
C LYS A 162 10.12 -19.50 6.60
N VAL A 163 9.20 -19.47 7.56
CA VAL A 163 9.20 -18.49 8.62
C VAL A 163 9.04 -19.25 9.93
N GLY A 164 10.17 -19.71 10.48
CA GLY A 164 10.12 -20.47 11.72
C GLY A 164 9.57 -21.85 11.45
N LYS A 165 8.81 -22.40 12.39
CA LYS A 165 8.24 -23.73 12.23
C LYS A 165 6.71 -23.62 12.21
N GLU A 166 6.20 -22.40 12.07
CA GLU A 166 4.77 -22.19 12.09
C GLU A 166 4.19 -21.63 10.80
N LEU A 167 5.04 -21.09 9.93
CA LEU A 167 4.52 -20.50 8.70
C LEU A 167 5.36 -20.73 7.45
N GLU A 168 4.68 -20.83 6.33
CA GLU A 168 5.34 -21.01 5.03
C GLU A 168 4.63 -20.02 4.11
N LEU A 169 5.41 -19.21 3.41
CA LEU A 169 4.86 -18.18 2.53
C LEU A 169 5.16 -18.36 1.05
N LEU A 170 4.26 -17.83 0.22
CA LEU A 170 4.39 -17.84 -1.22
C LEU A 170 4.27 -16.40 -1.68
N ASP A 171 5.27 -15.91 -2.41
CA ASP A 171 5.28 -14.54 -2.90
C ASP A 171 4.76 -14.45 -4.33
N THR A 172 4.07 -13.35 -4.64
CA THR A 172 3.52 -13.12 -5.96
C THR A 172 3.89 -11.70 -6.42
N PRO A 173 4.03 -11.50 -7.74
CA PRO A 173 4.38 -10.17 -8.26
C PRO A 173 3.25 -9.14 -8.11
N GLY A 174 3.62 -7.88 -8.02
CA GLY A 174 2.63 -6.82 -7.89
C GLY A 174 1.69 -6.85 -9.07
N ILE A 175 0.39 -6.70 -8.80
CA ILE A 175 -0.60 -6.73 -9.87
C ILE A 175 -1.63 -5.61 -9.75
N LEU A 176 -2.02 -5.06 -10.89
CA LEU A 176 -3.04 -4.01 -10.92
C LEU A 176 -4.29 -4.64 -11.53
N TRP A 177 -5.18 -3.83 -12.07
CA TRP A 177 -6.41 -4.34 -12.68
C TRP A 177 -6.89 -3.48 -13.85
N PRO A 178 -7.53 -4.10 -14.85
CA PRO A 178 -8.06 -3.45 -16.06
C PRO A 178 -8.83 -2.15 -15.84
N LYS A 179 -10.08 -2.27 -15.41
CA LYS A 179 -10.94 -1.11 -15.20
C LYS A 179 -10.79 -0.37 -13.87
N PHE A 180 -9.70 0.38 -13.75
CA PHE A 180 -9.44 1.19 -12.56
C PHE A 180 -9.74 2.59 -13.07
N GLU A 181 -10.49 2.62 -14.17
CA GLU A 181 -10.91 3.82 -14.87
C GLU A 181 -11.16 5.06 -14.02
N ASP A 182 -11.58 4.88 -12.77
CA ASP A 182 -11.83 6.04 -11.91
C ASP A 182 -10.52 6.83 -11.81
N GLU A 183 -10.49 7.98 -12.47
CA GLU A 183 -9.29 8.82 -12.48
C GLU A 183 -8.74 9.13 -11.08
N LEU A 184 -9.63 9.22 -10.10
CA LEU A 184 -9.21 9.51 -8.73
C LEU A 184 -8.40 8.34 -8.18
N VAL A 185 -8.86 7.13 -8.45
CA VAL A 185 -8.13 5.94 -7.98
C VAL A 185 -6.76 5.91 -8.66
N GLY A 186 -6.73 6.25 -9.94
CA GLY A 186 -5.47 6.26 -10.67
C GLY A 186 -4.48 7.26 -10.11
N LEU A 187 -4.96 8.46 -9.78
CA LEU A 187 -4.13 9.51 -9.23
C LEU A 187 -3.57 9.13 -7.85
N ARG A 188 -4.37 8.46 -7.04
CA ARG A 188 -3.93 8.04 -5.71
C ARG A 188 -2.85 6.97 -5.82
N LEU A 189 -3.03 6.07 -6.78
CA LEU A 189 -2.05 5.01 -7.01
C LEU A 189 -0.75 5.60 -7.54
N ALA A 190 -0.87 6.55 -8.45
CA ALA A 190 0.31 7.18 -9.02
C ALA A 190 1.09 7.98 -7.99
N VAL A 191 0.40 8.78 -7.19
CA VAL A 191 1.12 9.59 -6.21
C VAL A 191 1.82 8.76 -5.15
N THR A 192 1.22 7.64 -4.77
CA THR A 192 1.82 6.76 -3.76
C THR A 192 2.94 5.86 -4.28
N GLY A 193 3.11 5.79 -5.60
CA GLY A 193 4.18 4.99 -6.16
C GLY A 193 3.84 3.59 -6.65
N ALA A 194 2.56 3.28 -6.81
CA ALA A 194 2.15 1.96 -7.28
C ALA A 194 2.35 1.80 -8.79
N ILE A 195 2.57 2.92 -9.49
CA ILE A 195 2.77 2.91 -10.94
C ILE A 195 4.13 3.50 -11.33
N LYS A 196 4.81 2.90 -12.30
CA LYS A 196 6.11 3.42 -12.72
C LYS A 196 5.94 4.85 -13.25
N ASP A 197 6.68 5.78 -12.67
CA ASP A 197 6.58 7.18 -13.08
C ASP A 197 7.08 7.47 -14.49
N SER A 198 7.55 6.45 -15.19
CA SER A 198 8.06 6.63 -16.54
C SER A 198 6.99 6.62 -17.63
N ILE A 199 5.87 5.98 -17.36
CA ILE A 199 4.78 5.91 -18.34
C ILE A 199 3.59 6.79 -17.99
N ILE A 200 3.82 7.83 -17.19
CA ILE A 200 2.74 8.72 -16.79
C ILE A 200 3.17 10.18 -16.72
N ASN A 201 2.19 11.09 -16.83
CA ASN A 201 2.48 12.51 -16.75
C ASN A 201 2.60 12.87 -15.28
N LEU A 202 3.82 12.86 -14.78
CA LEU A 202 4.10 13.16 -13.39
C LEU A 202 3.59 14.49 -12.87
N GLN A 203 3.57 15.51 -13.73
CA GLN A 203 3.10 16.82 -13.28
C GLN A 203 1.62 16.80 -12.92
N ASP A 204 0.83 16.02 -13.64
CA ASP A 204 -0.60 15.94 -13.32
C ASP A 204 -0.75 15.33 -11.93
N VAL A 205 0.14 14.39 -11.60
CA VAL A 205 0.10 13.74 -10.30
C VAL A 205 0.52 14.74 -9.22
N ALA A 206 1.50 15.59 -9.55
CA ALA A 206 1.99 16.60 -8.62
C ALA A 206 0.89 17.64 -8.39
N VAL A 207 0.14 17.96 -9.45
CA VAL A 207 -0.95 18.92 -9.32
C VAL A 207 -2.00 18.33 -8.39
N PHE A 208 -2.29 17.04 -8.57
CA PHE A 208 -3.25 16.35 -7.72
C PHE A 208 -2.74 16.37 -6.27
N GLY A 209 -1.45 16.09 -6.11
CA GLY A 209 -0.86 16.08 -4.78
C GLY A 209 -0.99 17.41 -4.07
N LEU A 210 -0.64 18.49 -4.76
CA LEU A 210 -0.71 19.82 -4.18
C LEU A 210 -2.14 20.22 -3.80
N ARG A 211 -3.10 19.95 -4.68
CA ARG A 211 -4.48 20.29 -4.38
C ARG A 211 -4.95 19.51 -3.18
N PHE A 212 -4.53 18.25 -3.09
CA PHE A 212 -4.89 17.41 -1.96
C PHE A 212 -4.33 18.04 -0.67
N LEU A 213 -3.05 18.40 -0.69
CA LEU A 213 -2.42 19.00 0.48
C LEU A 213 -3.09 20.31 0.87
N GLU A 214 -3.43 21.13 -0.12
CA GLU A 214 -4.07 22.41 0.15
C GLU A 214 -5.43 22.22 0.80
N GLU A 215 -6.12 21.15 0.45
CA GLU A 215 -7.45 20.89 0.99
C GLU A 215 -7.48 20.14 2.31
N HIS A 216 -6.49 19.28 2.54
CA HIS A 216 -6.44 18.47 3.75
C HIS A 216 -5.31 18.75 4.72
N TYR A 217 -4.17 19.21 4.21
CA TYR A 217 -3.02 19.50 5.07
C TYR A 217 -2.32 20.80 4.67
N PRO A 218 -3.07 21.90 4.62
CA PRO A 218 -2.52 23.20 4.24
C PRO A 218 -1.35 23.69 5.10
N GLU A 219 -1.45 23.50 6.41
CA GLU A 219 -0.40 23.96 7.31
C GLU A 219 0.94 23.30 6.99
N ARG A 220 0.91 22.02 6.66
CA ARG A 220 2.13 21.29 6.34
C ARG A 220 2.75 21.78 5.04
N LEU A 221 1.89 22.09 4.09
CA LEU A 221 2.34 22.60 2.79
C LEU A 221 3.06 23.94 2.99
N LYS A 222 2.47 24.80 3.80
CA LYS A 222 3.06 26.10 4.08
C LYS A 222 4.41 25.98 4.77
N GLU A 223 4.45 25.24 5.87
CA GLU A 223 5.69 25.09 6.61
C GLU A 223 6.79 24.42 5.78
N ARG A 224 6.41 23.43 5.00
CA ARG A 224 7.37 22.70 4.17
C ARG A 224 8.15 23.63 3.25
N TYR A 225 7.43 24.51 2.56
CA TYR A 225 8.06 25.43 1.63
C TYR A 225 8.12 26.86 2.17
N GLY A 226 8.00 27.00 3.48
CA GLY A 226 8.05 28.32 4.09
C GLY A 226 7.12 29.33 3.43
N LEU A 227 5.88 28.92 3.20
CA LEU A 227 4.91 29.80 2.58
C LEU A 227 4.05 30.49 3.63
N ASP A 228 4.10 31.82 3.65
CA ASP A 228 3.31 32.59 4.59
C ASP A 228 1.84 32.42 4.23
N GLU A 229 1.59 32.27 2.94
CA GLU A 229 0.24 32.07 2.41
C GLU A 229 0.33 31.21 1.17
N ILE A 230 -0.68 30.37 0.96
CA ILE A 230 -0.71 29.49 -0.20
C ILE A 230 -1.28 30.23 -1.40
N PRO A 231 -0.52 30.27 -2.51
CA PRO A 231 -1.04 30.96 -3.70
C PRO A 231 -2.35 30.33 -4.17
N GLU A 232 -3.26 31.16 -4.66
CA GLU A 232 -4.55 30.69 -5.14
C GLU A 232 -4.45 29.98 -6.49
N ASP A 233 -3.42 30.31 -7.26
CA ASP A 233 -3.21 29.70 -8.57
C ASP A 233 -2.20 28.57 -8.43
N ILE A 234 -2.63 27.35 -8.74
CA ILE A 234 -1.79 26.16 -8.66
C ILE A 234 -0.46 26.34 -9.38
N ALA A 235 -0.48 26.96 -10.55
CA ALA A 235 0.76 27.19 -11.30
C ALA A 235 1.68 28.10 -10.52
N GLU A 236 1.11 29.09 -9.85
CA GLU A 236 1.90 30.01 -9.05
C GLU A 236 2.56 29.27 -7.89
N LEU A 237 1.85 28.28 -7.33
CA LEU A 237 2.41 27.49 -6.23
C LEU A 237 3.61 26.70 -6.75
N PHE A 238 3.51 26.21 -7.97
CA PHE A 238 4.62 25.46 -8.57
C PHE A 238 5.86 26.35 -8.67
N ASP A 239 5.66 27.60 -9.09
CA ASP A 239 6.78 28.53 -9.22
C ASP A 239 7.40 28.82 -7.85
N ALA A 240 6.56 29.02 -6.85
CA ALA A 240 7.02 29.29 -5.50
C ALA A 240 7.96 28.18 -5.02
N ILE A 241 7.54 26.93 -5.22
CA ILE A 241 8.32 25.77 -4.82
C ILE A 241 9.61 25.64 -5.64
N GLY A 242 9.49 25.88 -6.93
CA GLY A 242 10.65 25.82 -7.81
C GLY A 242 11.76 26.75 -7.37
N GLU A 243 11.46 28.04 -7.27
CA GLU A 243 12.46 29.02 -6.86
C GLU A 243 12.94 28.76 -5.43
N LYS A 244 12.03 28.30 -4.58
CA LYS A 244 12.35 28.00 -3.19
C LYS A 244 13.45 26.95 -3.09
N ARG A 245 13.33 25.91 -3.91
CA ARG A 245 14.30 24.81 -3.92
C ARG A 245 15.39 24.97 -4.96
N GLY A 246 15.23 25.97 -5.83
CA GLY A 246 16.23 26.21 -6.85
C GLY A 246 16.09 25.27 -8.04
N CYS A 247 14.87 25.09 -8.52
CA CYS A 247 14.62 24.22 -9.67
C CYS A 247 14.58 25.07 -10.94
N LEU A 248 15.75 25.54 -11.36
CA LEU A 248 15.87 26.38 -12.54
C LEU A 248 16.49 25.62 -13.71
N MET A 249 16.14 26.01 -14.93
CA MET A 249 16.66 25.35 -16.11
C MET A 249 17.48 26.23 -17.04
N SER A 250 16.81 27.20 -17.68
CA SER A 250 17.48 28.11 -18.60
C SER A 250 17.82 29.46 -17.98
N GLY A 251 19.01 29.55 -17.38
CA GLY A 251 19.46 30.78 -16.76
C GLY A 251 18.42 31.59 -16.01
N GLY A 252 17.69 30.93 -15.10
CA GLY A 252 16.69 31.63 -14.33
C GLY A 252 15.29 31.05 -14.39
N LEU A 253 14.89 30.58 -15.57
CA LEU A 253 13.56 29.99 -15.75
C LEU A 253 13.33 28.76 -14.87
N ILE A 254 12.10 28.62 -14.38
CA ILE A 254 11.72 27.50 -13.52
C ILE A 254 11.63 26.20 -14.32
N ASN A 255 12.19 25.13 -13.78
CA ASN A 255 12.14 23.82 -14.41
C ASN A 255 10.99 23.06 -13.73
N TYR A 256 9.84 23.01 -14.38
CA TYR A 256 8.67 22.33 -13.81
C TYR A 256 8.82 20.82 -13.69
N ASP A 257 9.67 20.23 -14.52
CA ASP A 257 9.89 18.79 -14.46
C ASP A 257 10.61 18.48 -13.15
N LYS A 258 11.65 19.24 -12.82
CA LYS A 258 12.40 19.04 -11.59
C LYS A 258 11.56 19.41 -10.37
N THR A 259 10.72 20.43 -10.53
CA THR A 259 9.86 20.88 -9.44
C THR A 259 8.84 19.77 -9.15
N THR A 260 8.30 19.17 -10.20
CA THR A 260 7.35 18.08 -10.07
C THR A 260 7.97 16.95 -9.25
N GLU A 261 9.19 16.56 -9.62
CA GLU A 261 9.90 15.50 -8.90
C GLU A 261 10.06 15.80 -7.42
N VAL A 262 10.40 17.04 -7.11
CA VAL A 262 10.57 17.45 -5.72
C VAL A 262 9.29 17.24 -4.93
N ILE A 263 8.17 17.70 -5.48
CA ILE A 263 6.86 17.57 -4.85
C ILE A 263 6.52 16.11 -4.60
N ILE A 264 6.68 15.28 -5.63
CA ILE A 264 6.39 13.84 -5.53
C ILE A 264 7.32 13.20 -4.49
N ARG A 265 8.59 13.56 -4.54
CA ARG A 265 9.57 13.02 -3.61
C ARG A 265 9.16 13.39 -2.18
N ASP A 266 8.88 14.67 -1.96
CA ASP A 266 8.48 15.16 -0.64
C ASP A 266 7.29 14.37 -0.08
N ILE A 267 6.29 14.15 -0.91
CA ILE A 267 5.10 13.41 -0.46
C ILE A 267 5.43 11.97 -0.09
N ARG A 268 6.17 11.29 -0.96
CA ARG A 268 6.51 9.90 -0.73
C ARG A 268 7.51 9.68 0.40
N THR A 269 8.37 10.64 0.67
CA THR A 269 9.36 10.49 1.72
C THR A 269 8.91 11.12 3.04
N GLU A 270 7.60 11.31 3.18
CA GLU A 270 7.02 11.84 4.40
C GLU A 270 7.46 13.25 4.77
N LYS A 271 7.82 14.06 3.79
CA LYS A 271 8.23 15.42 4.07
C LYS A 271 7.03 16.23 4.53
N PHE A 272 5.83 15.74 4.22
CA PHE A 272 4.61 16.41 4.66
C PHE A 272 3.99 15.59 5.78
N GLY A 273 4.80 14.79 6.45
CA GLY A 273 4.30 13.97 7.54
C GLY A 273 3.39 12.84 7.09
N ARG A 274 2.64 12.27 8.03
CA ARG A 274 1.73 11.16 7.75
C ARG A 274 0.55 11.62 6.90
N LEU A 275 0.28 10.91 5.82
CA LEU A 275 -0.81 11.26 4.93
C LEU A 275 -1.74 10.08 4.61
N SER A 276 -3.03 10.37 4.54
CA SER A 276 -4.03 9.36 4.17
C SER A 276 -4.87 10.08 3.13
N PHE A 277 -4.94 9.52 1.93
CA PHE A 277 -5.67 10.14 0.83
C PHE A 277 -7.15 9.84 0.72
N GLU A 278 -7.66 9.01 1.64
CA GLU A 278 -9.07 8.65 1.65
C GLU A 278 -9.50 8.16 3.04
N GLN A 279 -10.78 8.35 3.35
CA GLN A 279 -11.34 7.93 4.63
C GLN A 279 -12.60 7.10 4.34
N PRO A 280 -12.95 6.17 5.25
CA PRO A 280 -14.13 5.32 5.07
C PRO A 280 -15.48 6.05 5.16
N THR A 281 -16.54 5.35 4.79
CA THR A 281 -17.90 5.89 4.82
C THR A 281 -17.98 7.15 3.96
#